data_5UD0
#
_entry.id   5UD0
#
_cell.length_a   39.258
_cell.length_b   85.386
_cell.length_c   91.082
_cell.angle_alpha   90.00
_cell.angle_beta   100.20
_cell.angle_gamma   90.00
#
_symmetry.space_group_name_H-M   'P 1 21 1'
#
loop_
_entity.id
_entity.type
_entity.pdbx_description
1 polymer 'Fructose-bisphosphate aldolase'
2 non-polymer 'SODIUM ION'
3 non-polymer 'ZINC ION'
4 non-polymer 'CALCIUM ION'
5 non-polymer 1,3-DIHYDROXYACETONEPHOSPHATE
6 non-polymer GLYCERALDEHYDE-3-PHOSPHATE
7 water water
#
_entity_poly.entity_id   1
_entity_poly.type   'polypeptide(L)'
_entity_poly.pdbx_seq_one_letter_code
;MLVKGNEILLKAHKEGYGVGAFNFVNFEMLNAIFEAGNEENSPLFIQASEGAIKYMGIDMAVGMVKIMCERYPHIPVALH
LDHGTTFESCEKAVKAGFTSVMIDASHHAFEENLELTSKVVKMAHNAGVSVEAELGRLMGIEDNISVDAKDAVLVNPKEA
EQFVKESQVDYLAPAIGTSHGAFKFKGEPKLDFERLQEVKRLTNIPLVLHGASAIPDNVRKSYLDAGGDLKGSKGVPFEF
LQESVKGGINKVNTDTDLRIAFIAEVRKVANEDKSQFDLRKFFSPAQLALKNVVKERMKLLGSANKI
;
_entity_poly.pdbx_strand_id   A,B
#
# COMPACT_ATOMS: atom_id res chain seq x y z
N MET A 1 -16.33 -1.24 12.90
CA MET A 1 -16.91 -1.00 11.55
C MET A 1 -16.88 0.49 11.25
N LEU A 2 -17.03 0.85 9.97
CA LEU A 2 -17.15 2.25 9.59
C LEU A 2 -18.44 2.86 10.15
N VAL A 3 -18.30 4.03 10.75
CA VAL A 3 -19.42 4.76 11.33
C VAL A 3 -19.29 6.24 11.00
N LYS A 4 -20.40 6.95 11.11
CA LYS A 4 -20.41 8.38 10.88
C LYS A 4 -19.45 9.10 11.82
N GLY A 5 -18.76 10.09 11.29
CA GLY A 5 -17.80 10.82 12.11
C GLY A 5 -18.40 11.33 13.41
N ASN A 6 -19.63 11.84 13.36
CA ASN A 6 -20.24 12.47 14.53
C ASN A 6 -20.51 11.47 15.64
N GLU A 7 -20.74 10.19 15.30
CA GLU A 7 -20.97 9.21 16.36
C GLU A 7 -19.75 9.06 17.25
N ILE A 8 -18.56 9.12 16.64
CA ILE A 8 -17.33 9.06 17.42
C ILE A 8 -17.14 10.35 18.21
N LEU A 9 -17.32 11.52 17.55
CA LEU A 9 -17.01 12.79 18.22
C LEU A 9 -18.10 13.21 19.18
N LEU A 10 -19.35 12.80 18.95
CA LEU A 10 -20.37 13.12 19.93
C LEU A 10 -19.98 12.54 21.27
N LYS A 11 -19.43 11.33 21.27
CA LYS A 11 -19.07 10.71 22.53
C LYS A 11 -17.90 11.45 23.16
N ALA A 12 -16.89 11.81 22.37
CA ALA A 12 -15.75 12.53 22.90
C ALA A 12 -16.15 13.91 23.39
N HIS A 13 -17.11 14.53 22.72
CA HIS A 13 -17.65 15.82 23.17
C HIS A 13 -18.37 15.68 24.52
N LYS A 14 -19.24 14.67 24.63
CA LYS A 14 -19.96 14.45 25.89
C LYS A 14 -18.99 14.21 27.04
N GLU A 15 -18.02 13.33 26.82
CA GLU A 15 -17.16 12.83 27.88
C GLU A 15 -15.84 13.58 27.97
N GLY A 16 -15.62 14.58 27.11
CA GLY A 16 -14.50 15.47 27.24
C GLY A 16 -13.14 14.85 27.00
N TYR A 17 -12.98 14.12 25.89
CA TYR A 17 -11.67 13.65 25.47
C TYR A 17 -11.47 13.97 23.99
N GLY A 18 -10.26 13.76 23.52
CA GLY A 18 -9.88 14.05 22.15
C GLY A 18 -9.62 12.76 21.39
N VAL A 19 -10.03 12.75 20.12
CA VAL A 19 -9.80 11.62 19.22
C VAL A 19 -8.82 12.09 18.15
N GLY A 20 -7.68 11.42 18.07
CA GLY A 20 -6.75 11.74 17.01
C GLY A 20 -7.36 11.44 15.66
N ALA A 21 -7.13 12.33 14.70
CA ALA A 21 -7.56 12.17 13.31
C ALA A 21 -6.28 12.01 12.50
N PHE A 22 -6.01 10.78 12.08
CA PHE A 22 -4.69 10.40 11.58
C PHE A 22 -4.73 10.26 10.06
N ASN A 23 -3.86 11.00 9.39
CA ASN A 23 -3.82 10.97 7.93
C ASN A 23 -3.11 9.71 7.43
N PHE A 24 -3.51 9.23 6.24
CA PHE A 24 -2.76 8.18 5.57
C PHE A 24 -2.64 8.49 4.08
N VAL A 25 -1.56 8.01 3.47
CA VAL A 25 -1.42 8.04 2.01
C VAL A 25 -1.22 6.66 1.39
N ASN A 26 -1.05 5.61 2.17
CA ASN A 26 -0.82 4.30 1.60
C ASN A 26 -1.09 3.21 2.65
N PHE A 27 -0.83 1.97 2.27
CA PHE A 27 -1.16 0.85 3.16
C PHE A 27 -0.36 0.86 4.45
N GLU A 28 0.94 1.14 4.36
CA GLU A 28 1.77 1.09 5.57
C GLU A 28 1.28 2.07 6.64
N MET A 29 0.95 3.31 6.25
CA MET A 29 0.43 4.27 7.23
C MET A 29 -0.87 3.78 7.82
N LEU A 30 -1.76 3.24 6.98
CA LEU A 30 -3.07 2.84 7.45
C LEU A 30 -2.97 1.64 8.39
N ASN A 31 -2.09 0.67 8.08
CA ASN A 31 -1.97 -0.51 8.91
C ASN A 31 -1.47 -0.14 10.31
N ALA A 32 -0.47 0.73 10.37
CA ALA A 32 0.09 1.14 11.66
C ALA A 32 -0.93 1.90 12.50
N ILE A 33 -1.70 2.81 11.89
CA ILE A 33 -2.78 3.52 12.59
C ILE A 33 -3.78 2.51 13.19
N PHE A 34 -4.18 1.53 12.38
CA PHE A 34 -5.15 0.54 12.87
C PHE A 34 -4.56 -0.31 13.99
N GLU A 35 -3.31 -0.74 13.86
CA GLU A 35 -2.71 -1.56 14.90
C GLU A 35 -2.63 -0.80 16.22
N ALA A 36 -2.28 0.47 16.14
CA ALA A 36 -2.27 1.34 17.32
C ALA A 36 -3.65 1.42 17.96
N GLY A 37 -4.69 1.63 17.15
CA GLY A 37 -6.04 1.66 17.67
C GLY A 37 -6.45 0.34 18.31
N ASN A 38 -6.09 -0.78 17.69
CA ASN A 38 -6.34 -2.07 18.31
C ASN A 38 -5.61 -2.22 19.63
N GLU A 39 -4.36 -1.76 19.70
CA GLU A 39 -3.54 -1.99 20.87
C GLU A 39 -3.90 -1.07 22.03
N GLU A 40 -4.40 0.13 21.73
CA GLU A 40 -4.82 1.07 22.76
C GLU A 40 -6.33 1.04 23.00
N ASN A 41 -7.07 0.16 22.33
CA ASN A 41 -8.52 0.10 22.47
C ASN A 41 -9.14 1.48 22.30
N SER A 42 -8.80 2.13 21.19
CA SER A 42 -9.22 3.50 20.92
C SER A 42 -10.03 3.56 19.64
N PRO A 43 -11.10 4.37 19.60
CA PRO A 43 -11.76 4.67 18.32
C PRO A 43 -10.78 5.36 17.39
N LEU A 44 -11.08 5.28 16.08
CA LEU A 44 -10.20 5.78 15.04
C LEU A 44 -10.92 6.78 14.14
N PHE A 45 -10.33 7.95 13.94
CA PHE A 45 -10.64 8.82 12.82
C PHE A 45 -9.52 8.67 11.81
N ILE A 46 -9.84 8.15 10.62
CA ILE A 46 -8.86 8.02 9.55
C ILE A 46 -9.11 9.13 8.54
N GLN A 47 -8.08 9.92 8.22
CA GLN A 47 -8.20 11.09 7.34
C GLN A 47 -7.47 10.86 6.03
N ALA A 48 -8.05 11.38 4.95
CA ALA A 48 -7.37 11.39 3.66
C ALA A 48 -7.53 12.77 3.05
N SER A 49 -6.40 13.42 2.77
CA SER A 49 -6.39 14.72 2.11
C SER A 49 -6.73 14.54 0.63
N GLU A 50 -7.05 15.64 -0.03
CA GLU A 50 -7.28 15.57 -1.47
C GLU A 50 -6.05 15.07 -2.19
N GLY A 51 -4.85 15.47 -1.75
CA GLY A 51 -3.64 14.98 -2.38
C GLY A 51 -3.47 13.48 -2.19
N ALA A 52 -3.84 12.96 -1.01
CA ALA A 52 -3.74 11.52 -0.77
C ALA A 52 -4.75 10.74 -1.62
N ILE A 53 -5.96 11.26 -1.72
CA ILE A 53 -6.98 10.64 -2.57
C ILE A 53 -6.49 10.60 -4.02
N LYS A 54 -5.86 11.68 -4.49
CA LYS A 54 -5.35 11.66 -5.86
C LYS A 54 -4.26 10.61 -6.02
N TYR A 55 -3.46 10.46 -4.99
CA TYR A 55 -2.33 9.54 -5.01
C TYR A 55 -2.80 8.08 -5.00
N MET A 56 -3.71 7.74 -4.08
CA MET A 56 -4.21 6.37 -4.00
C MET A 56 -5.28 6.07 -5.05
N GLY A 57 -6.04 7.08 -5.47
CA GLY A 57 -7.35 6.82 -6.01
C GLY A 57 -8.40 6.64 -4.93
N ILE A 58 -9.55 7.32 -5.05
CA ILE A 58 -10.53 7.31 -3.97
C ILE A 58 -11.06 5.90 -3.76
N ASP A 59 -11.12 5.10 -4.84
CA ASP A 59 -11.56 3.71 -4.75
C ASP A 59 -10.63 2.89 -3.87
N MET A 60 -9.33 3.16 -3.93
CA MET A 60 -8.40 2.42 -3.10
C MET A 60 -8.34 2.95 -1.68
N ALA A 61 -8.46 4.29 -1.51
CA ALA A 61 -8.49 4.83 -0.16
C ALA A 61 -9.65 4.24 0.61
N VAL A 62 -10.85 4.29 0.04
CA VAL A 62 -12.00 3.71 0.74
C VAL A 62 -11.84 2.19 0.86
N GLY A 63 -11.45 1.55 -0.24
CA GLY A 63 -11.32 0.09 -0.23
C GLY A 63 -10.37 -0.43 0.84
N MET A 64 -9.19 0.18 0.96
CA MET A 64 -8.26 -0.29 1.99
C MET A 64 -8.84 -0.11 3.37
N VAL A 65 -9.50 1.02 3.63
CA VAL A 65 -10.07 1.26 4.94
C VAL A 65 -11.17 0.25 5.24
N LYS A 66 -11.99 -0.09 4.25
CA LYS A 66 -13.02 -1.11 4.45
C LYS A 66 -12.42 -2.47 4.79
N ILE A 67 -11.32 -2.84 4.13
CA ILE A 67 -10.64 -4.08 4.47
C ILE A 67 -10.16 -4.03 5.92
N MET A 68 -9.55 -2.92 6.32
CA MET A 68 -9.01 -2.84 7.68
C MET A 68 -10.12 -2.88 8.72
N CYS A 69 -11.25 -2.21 8.46
CA CYS A 69 -12.40 -2.30 9.36
C CYS A 69 -12.85 -3.73 9.56
N GLU A 70 -12.91 -4.51 8.48
CA GLU A 70 -13.27 -5.93 8.58
C GLU A 70 -12.21 -6.73 9.31
N ARG A 71 -10.96 -6.30 9.26
CA ARG A 71 -9.94 -6.96 10.05
C ARG A 71 -10.07 -6.70 11.54
N TYR A 72 -10.61 -5.52 11.90
CA TYR A 72 -10.74 -5.08 13.30
C TYR A 72 -12.16 -4.55 13.52
N PRO A 73 -13.14 -5.45 13.46
CA PRO A 73 -14.53 -5.01 13.46
C PRO A 73 -14.99 -4.34 14.74
N HIS A 74 -14.29 -4.54 15.85
CA HIS A 74 -14.70 -3.97 17.12
C HIS A 74 -14.33 -2.49 17.26
N ILE A 75 -13.49 -1.95 16.38
CA ILE A 75 -12.98 -0.60 16.53
C ILE A 75 -13.90 0.36 15.79
N PRO A 76 -14.48 1.36 16.47
CA PRO A 76 -15.19 2.43 15.75
C PRO A 76 -14.23 3.21 14.86
N VAL A 77 -14.59 3.35 13.58
CA VAL A 77 -13.75 3.99 12.55
C VAL A 77 -14.60 4.94 11.71
N ALA A 78 -14.20 6.20 11.65
CA ALA A 78 -14.74 7.16 10.69
C ALA A 78 -13.68 7.45 9.63
N LEU A 79 -14.12 7.55 8.38
CA LEU A 79 -13.25 7.85 7.24
C LEU A 79 -13.57 9.27 6.77
N HIS A 80 -12.60 10.17 6.90
CA HIS A 80 -12.83 11.61 6.87
C HIS A 80 -12.05 12.24 5.72
N LEU A 81 -12.75 13.05 4.92
CA LEU A 81 -12.09 13.86 3.90
C LEU A 81 -11.48 15.08 4.60
N ASP A 82 -10.16 15.17 4.59
CA ASP A 82 -9.40 16.23 5.25
C ASP A 82 -9.20 17.40 4.28
N HIS A 83 -9.65 18.59 4.69
CA HIS A 83 -9.48 19.83 3.90
C HIS A 83 -9.94 19.65 2.45
N GLY A 84 -11.19 19.21 2.32
CA GLY A 84 -11.88 19.31 1.05
C GLY A 84 -12.01 20.76 0.65
N THR A 85 -11.76 21.04 -0.64
CA THR A 85 -11.67 22.41 -1.12
C THR A 85 -12.88 22.86 -1.91
N THR A 86 -13.76 21.94 -2.30
CA THR A 86 -14.89 22.29 -3.13
C THR A 86 -16.06 21.38 -2.77
N PHE A 87 -17.26 21.84 -3.11
CA PHE A 87 -18.45 21.00 -2.95
C PHE A 87 -18.30 19.70 -3.72
N GLU A 88 -17.77 19.76 -4.95
CA GLU A 88 -17.70 18.57 -5.76
C GLU A 88 -16.77 17.53 -5.14
N SER A 89 -15.68 18.00 -4.52
CA SER A 89 -14.77 17.09 -3.83
C SER A 89 -15.47 16.38 -2.67
N CYS A 90 -16.18 17.15 -1.83
CA CYS A 90 -16.92 16.56 -0.70
C CYS A 90 -17.97 15.59 -1.21
N GLU A 91 -18.64 15.93 -2.31
CA GLU A 91 -19.70 15.07 -2.84
C GLU A 91 -19.13 13.75 -3.36
N LYS A 92 -18.00 13.82 -4.08
CA LYS A 92 -17.33 12.60 -4.55
C LYS A 92 -16.93 11.71 -3.37
N ALA A 93 -16.44 12.31 -2.29
CA ALA A 93 -16.08 11.52 -1.12
C ALA A 93 -17.30 10.88 -0.50
N VAL A 94 -18.40 11.64 -0.39
CA VAL A 94 -19.66 11.04 0.08
C VAL A 94 -20.04 9.84 -0.80
N LYS A 95 -20.01 10.02 -2.11
CA LYS A 95 -20.46 8.95 -2.99
C LYS A 95 -19.57 7.72 -2.87
N ALA A 96 -18.26 7.92 -2.66
CA ALA A 96 -17.30 6.81 -2.55
C ALA A 96 -17.42 6.05 -1.23
N GLY A 97 -17.99 6.64 -0.18
CA GLY A 97 -18.16 5.90 1.06
C GLY A 97 -17.50 6.52 2.28
N PHE A 98 -17.00 7.73 2.15
CA PHE A 98 -16.53 8.45 3.31
C PHE A 98 -17.68 8.67 4.27
N THR A 99 -17.39 8.64 5.57
CA THR A 99 -18.43 8.85 6.57
C THR A 99 -18.31 10.21 7.25
N SER A 100 -17.38 11.04 6.79
CA SER A 100 -17.15 12.38 7.33
C SER A 100 -16.41 13.17 6.25
N VAL A 101 -16.80 14.42 6.04
CA VAL A 101 -16.14 15.26 5.05
C VAL A 101 -15.91 16.64 5.65
N MET A 102 -14.74 17.20 5.39
CA MET A 102 -14.46 18.56 5.79
C MET A 102 -14.42 19.46 4.56
N ILE A 103 -15.05 20.63 4.67
CA ILE A 103 -15.00 21.67 3.64
C ILE A 103 -14.29 22.87 4.25
N ASP A 104 -13.15 23.24 3.66
CA ASP A 104 -12.31 24.34 4.14
C ASP A 104 -12.59 25.54 3.25
N ALA A 105 -13.41 26.45 3.75
CA ALA A 105 -13.64 27.74 3.14
C ALA A 105 -13.21 28.86 4.08
N SER A 106 -12.32 28.55 5.03
CA SER A 106 -11.88 29.52 6.03
C SER A 106 -11.09 30.66 5.41
N HIS A 107 -10.62 30.52 4.19
CA HIS A 107 -9.96 31.61 3.48
C HIS A 107 -10.95 32.65 2.95
N HIS A 108 -12.23 32.30 2.85
CA HIS A 108 -13.28 33.21 2.43
C HIS A 108 -13.83 34.02 3.61
N ALA A 109 -14.52 35.11 3.27
CA ALA A 109 -15.24 35.87 4.30
C ALA A 109 -16.41 35.06 4.85
N PHE A 110 -16.85 35.47 6.03
CA PHE A 110 -17.87 34.71 6.75
C PHE A 110 -19.04 34.33 5.84
N GLU A 111 -19.62 35.30 5.15
CA GLU A 111 -20.79 35.01 4.34
C GLU A 111 -20.53 33.93 3.30
N GLU A 112 -19.34 33.92 2.70
CA GLU A 112 -19.09 32.96 1.63
C GLU A 112 -18.73 31.60 2.21
N ASN A 113 -18.02 31.61 3.34
CA ASN A 113 -17.69 30.38 4.06
C ASN A 113 -18.96 29.67 4.54
N LEU A 114 -19.97 30.46 4.95
CA LEU A 114 -21.20 29.89 5.48
C LEU A 114 -22.08 29.27 4.39
N GLU A 115 -22.22 29.94 3.24
CA GLU A 115 -23.09 29.40 2.18
C GLU A 115 -22.55 28.09 1.61
N LEU A 116 -21.25 28.03 1.37
CA LEU A 116 -20.65 26.79 0.85
C LEU A 116 -20.72 25.68 1.87
N THR A 117 -20.31 25.94 3.11
CA THR A 117 -20.47 24.93 4.16
C THR A 117 -21.91 24.44 4.21
N SER A 118 -22.86 25.38 4.14
CA SER A 118 -24.26 24.99 4.25
C SER A 118 -24.67 24.07 3.12
N LYS A 119 -24.16 24.34 1.89
CA LYS A 119 -24.50 23.47 0.77
C LYS A 119 -23.92 22.08 0.95
N VAL A 120 -22.68 21.99 1.43
CA VAL A 120 -22.07 20.69 1.69
C VAL A 120 -22.86 19.94 2.77
N VAL A 121 -23.34 20.66 3.78
CA VAL A 121 -24.04 20.01 4.88
C VAL A 121 -25.34 19.38 4.37
N LYS A 122 -26.10 20.12 3.56
CA LYS A 122 -27.32 19.57 2.99
C LYS A 122 -27.04 18.27 2.24
N MET A 123 -26.09 18.32 1.31
CA MET A 123 -25.73 17.13 0.56
C MET A 123 -25.26 16.02 1.49
N ALA A 124 -24.32 16.32 2.37
CA ALA A 124 -23.74 15.29 3.21
C ALA A 124 -24.79 14.69 4.14
N HIS A 125 -25.62 15.54 4.76
CA HIS A 125 -26.63 15.02 5.66
C HIS A 125 -27.67 14.17 4.93
N ASN A 126 -28.04 14.54 3.70
CA ASN A 126 -28.93 13.68 2.94
C ASN A 126 -28.37 12.26 2.81
N ALA A 127 -27.05 12.13 2.76
CA ALA A 127 -26.41 10.85 2.56
C ALA A 127 -26.00 10.19 3.87
N GLY A 128 -26.26 10.83 4.99
CA GLY A 128 -25.89 10.25 6.27
C GLY A 128 -24.44 10.41 6.62
N VAL A 129 -23.82 11.51 6.22
CA VAL A 129 -22.40 11.77 6.40
C VAL A 129 -22.24 13.05 7.22
N SER A 130 -21.31 13.03 8.17
CA SER A 130 -21.04 14.15 9.05
C SER A 130 -20.12 15.16 8.36
N VAL A 131 -20.20 16.42 8.77
CA VAL A 131 -19.48 17.50 8.12
C VAL A 131 -18.68 18.31 9.15
N GLU A 132 -17.44 18.60 8.79
CA GLU A 132 -16.57 19.55 9.48
C GLU A 132 -16.41 20.81 8.63
N ALA A 133 -16.32 21.98 9.29
CA ALA A 133 -15.91 23.22 8.63
C ALA A 133 -14.84 23.93 9.45
N GLU A 134 -14.31 25.02 8.90
CA GLU A 134 -13.26 25.78 9.56
C GLU A 134 -13.62 27.27 9.55
N LEU A 135 -13.18 28.00 10.59
CA LEU A 135 -13.61 29.39 10.77
C LEU A 135 -12.54 30.15 11.53
N GLY A 136 -12.06 31.23 10.91
CA GLY A 136 -11.09 32.10 11.54
C GLY A 136 -11.48 33.57 11.44
N LEU A 154 -7.89 35.29 14.92
CA LEU A 154 -8.53 34.16 15.60
C LEU A 154 -10.04 34.27 15.47
N VAL A 155 -10.72 33.16 15.78
CA VAL A 155 -12.17 33.10 15.58
C VAL A 155 -12.88 34.05 16.54
N ASN A 156 -13.98 34.62 16.07
CA ASN A 156 -14.88 35.37 16.91
C ASN A 156 -15.95 34.43 17.43
N PRO A 157 -16.01 34.18 18.75
CA PRO A 157 -16.93 33.15 19.26
C PRO A 157 -18.38 33.38 18.87
N LYS A 158 -18.85 34.63 18.85
CA LYS A 158 -20.22 34.90 18.48
C LYS A 158 -20.47 34.61 16.99
N GLU A 159 -19.50 34.92 16.13
CA GLU A 159 -19.59 34.48 14.73
C GLU A 159 -19.58 32.96 14.63
N ALA A 160 -18.76 32.28 15.43
CA ALA A 160 -18.82 30.82 15.46
C ALA A 160 -20.19 30.34 15.90
N GLU A 161 -20.75 30.96 16.95
CA GLU A 161 -22.10 30.59 17.38
C GLU A 161 -23.06 30.65 16.20
N GLN A 162 -23.04 31.77 15.48
CA GLN A 162 -23.94 31.94 14.34
C GLN A 162 -23.59 30.98 13.22
N PHE A 163 -22.30 30.85 12.93
CA PHE A 163 -21.87 29.95 11.86
C PHE A 163 -22.46 28.56 12.07
N VAL A 164 -22.32 28.03 13.28
CA VAL A 164 -22.76 26.66 13.54
C VAL A 164 -24.29 26.56 13.51
N LYS A 165 -24.99 27.56 14.02
CA LYS A 165 -26.45 27.45 14.06
C LYS A 165 -27.04 27.50 12.65
N GLU A 166 -26.51 28.36 11.77
CA GLU A 166 -27.04 28.50 10.42
C GLU A 166 -26.63 27.35 9.50
N SER A 167 -25.40 26.84 9.65
CA SER A 167 -24.88 25.82 8.73
C SER A 167 -25.27 24.42 9.17
N GLN A 168 -25.48 24.21 10.47
CA GLN A 168 -25.79 22.90 11.03
C GLN A 168 -24.65 21.92 10.84
N VAL A 169 -23.43 22.46 10.75
CA VAL A 169 -22.25 21.62 10.66
C VAL A 169 -22.12 20.81 11.95
N ASP A 170 -21.51 19.64 11.83
CA ASP A 170 -21.41 18.71 12.95
C ASP A 170 -20.24 19.05 13.88
N TYR A 171 -19.12 19.49 13.31
CA TYR A 171 -17.98 19.89 14.12
C TYR A 171 -17.27 21.04 13.42
N LEU A 172 -16.61 21.87 14.23
CA LEU A 172 -16.01 23.11 13.76
C LEU A 172 -14.54 23.12 14.13
N ALA A 173 -13.70 23.54 13.19
CA ALA A 173 -12.30 23.79 13.51
C ALA A 173 -12.11 25.30 13.72
N PRO A 174 -12.07 25.79 14.95
CA PRO A 174 -11.90 27.23 15.16
C PRO A 174 -10.42 27.61 15.24
N ALA A 175 -10.07 28.73 14.65
CA ALA A 175 -8.71 29.25 14.77
C ALA A 175 -8.50 29.76 16.19
N ILE A 176 -7.59 29.13 16.93
CA ILE A 176 -7.43 29.46 18.34
C ILE A 176 -5.96 29.49 18.74
N GLY A 177 -5.07 29.69 17.77
CA GLY A 177 -3.67 29.91 18.12
C GLY A 177 -2.63 29.23 17.28
N THR A 178 -3.01 28.23 16.47
CA THR A 178 -2.03 27.56 15.63
C THR A 178 -1.80 28.35 14.35
N SER A 179 -0.57 28.26 13.84
CA SER A 179 -0.21 28.91 12.58
C SER A 179 -0.58 27.96 11.44
N HIS A 180 -1.80 28.11 10.93
CA HIS A 180 -2.34 27.11 10.02
C HIS A 180 -3.22 27.79 8.98
N GLY A 181 -3.24 27.18 7.78
CA GLY A 181 -4.13 27.58 6.69
C GLY A 181 -4.33 29.08 6.53
N LYS A 190 0.83 29.48 20.58
CA LYS A 190 0.15 29.79 21.83
C LYS A 190 -1.35 29.52 21.75
N LEU A 191 -1.89 28.80 22.73
CA LEU A 191 -3.28 28.39 22.74
C LEU A 191 -4.13 29.49 23.37
N ASP A 192 -5.13 29.98 22.63
CA ASP A 192 -6.09 30.93 23.19
C ASP A 192 -7.16 30.13 23.93
N PHE A 193 -6.80 29.68 25.14
CA PHE A 193 -7.69 28.82 25.92
C PHE A 193 -9.05 29.48 26.16
N GLU A 194 -9.06 30.75 26.58
CA GLU A 194 -10.34 31.39 26.92
C GLU A 194 -11.20 31.54 25.69
N ARG A 195 -10.60 31.87 24.55
CA ARG A 195 -11.33 31.87 23.30
C ARG A 195 -11.89 30.49 22.99
N LEU A 196 -11.08 29.46 23.18
CA LEU A 196 -11.53 28.10 22.92
C LEU A 196 -12.76 27.78 23.76
N GLN A 197 -12.71 28.09 25.07
CA GLN A 197 -13.83 27.81 25.94
C GLN A 197 -15.08 28.57 25.50
N GLU A 198 -14.90 29.81 25.03
CA GLU A 198 -16.06 30.59 24.59
C GLU A 198 -16.73 29.91 23.41
N VAL A 199 -15.95 29.57 22.38
CA VAL A 199 -16.54 28.89 21.23
C VAL A 199 -17.25 27.62 21.67
N LYS A 200 -16.63 26.84 22.55
CA LYS A 200 -17.22 25.60 23.00
C LYS A 200 -18.57 25.84 23.68
N ARG A 201 -18.60 26.80 24.60
CA ARG A 201 -19.83 27.16 25.31
C ARG A 201 -20.93 27.57 24.35
N LEU A 202 -20.60 28.47 23.41
CA LEU A 202 -21.62 29.03 22.53
C LEU A 202 -22.10 28.03 21.50
N THR A 203 -21.22 27.16 21.00
CA THR A 203 -21.62 26.24 19.94
C THR A 203 -22.06 24.89 20.45
N ASN A 204 -21.48 24.44 21.57
CA ASN A 204 -21.83 23.17 22.19
C ASN A 204 -21.84 22.04 21.15
N ILE A 205 -20.79 21.99 20.34
CA ILE A 205 -20.58 20.87 19.42
C ILE A 205 -19.14 20.38 19.55
N PRO A 206 -18.79 19.22 18.98
CA PRO A 206 -17.38 18.82 18.96
C PRO A 206 -16.57 19.83 18.18
N LEU A 207 -15.35 20.10 18.65
CA LEU A 207 -14.45 21.04 18.01
C LEU A 207 -13.15 20.35 17.56
N VAL A 208 -12.51 20.94 16.55
CA VAL A 208 -11.39 20.33 15.84
C VAL A 208 -10.18 21.26 15.91
N LEU A 209 -9.01 20.68 16.18
CA LEU A 209 -7.75 21.41 16.20
C LEU A 209 -6.91 21.00 15.00
N HIS A 210 -6.61 21.95 14.13
CA HIS A 210 -5.69 21.74 13.02
C HIS A 210 -4.33 22.35 13.30
N GLY A 211 -3.33 21.86 12.58
CA GLY A 211 -2.00 22.46 12.60
C GLY A 211 -1.32 22.36 13.95
N ALA A 212 -1.59 21.28 14.69
CA ALA A 212 -1.02 21.06 16.00
C ALA A 212 -0.39 19.67 16.08
N SER A 213 0.50 19.37 15.15
CA SER A 213 1.39 18.24 15.37
C SER A 213 2.41 18.62 16.43
N ALA A 214 2.86 17.63 17.19
CA ALA A 214 3.69 17.84 18.36
C ALA A 214 4.92 16.95 18.22
N ILE A 215 5.80 17.31 17.30
CA ILE A 215 7.01 16.56 16.99
C ILE A 215 7.63 16.04 18.28
N PRO A 216 7.30 14.84 18.73
CA PRO A 216 7.83 14.36 20.01
C PRO A 216 9.34 14.27 19.97
N ASP A 217 9.94 14.39 21.16
CA ASP A 217 11.39 14.44 21.28
C ASP A 217 12.06 13.24 20.62
N ASN A 218 11.51 12.04 20.82
CA ASN A 218 12.11 10.84 20.26
C ASN A 218 11.95 10.78 18.74
N VAL A 219 10.86 11.35 18.21
CA VAL A 219 10.68 11.38 16.77
C VAL A 219 11.62 12.39 16.14
N ARG A 220 11.79 13.56 16.79
CA ARG A 220 12.73 14.56 16.30
C ARG A 220 14.14 14.00 16.27
N LYS A 221 14.51 13.29 17.34
CA LYS A 221 15.85 12.72 17.42
C LYS A 221 16.07 11.67 16.35
N SER A 222 15.08 10.78 16.15
CA SER A 222 15.18 9.77 15.11
C SER A 222 15.41 10.39 13.74
N TYR A 223 14.66 11.45 13.42
CA TYR A 223 14.78 12.05 12.09
C TYR A 223 16.14 12.68 11.91
N LEU A 224 16.59 13.46 12.89
CA LEU A 224 17.90 14.11 12.77
C LEU A 224 19.04 13.08 12.83
N ASP A 225 18.92 12.06 13.70
CA ASP A 225 19.93 11.02 13.76
C ASP A 225 20.13 10.36 12.39
N ALA A 226 19.08 10.29 11.59
CA ALA A 226 19.15 9.66 10.27
C ALA A 226 19.63 10.62 9.19
N GLY A 227 20.12 11.80 9.57
CA GLY A 227 20.57 12.79 8.63
C GLY A 227 19.49 13.73 8.14
N GLY A 228 18.32 13.69 8.75
CA GLY A 228 17.25 14.55 8.32
C GLY A 228 17.41 15.99 8.76
N ASP A 229 16.79 16.89 8.00
CA ASP A 229 16.79 18.32 8.28
C ASP A 229 15.39 18.73 8.68
N LEU A 230 15.22 19.15 9.93
CA LEU A 230 13.97 19.73 10.39
C LEU A 230 14.10 21.24 10.36
N LYS A 231 14.97 21.78 11.23
CA LYS A 231 15.35 23.19 11.24
C LYS A 231 14.13 24.10 11.18
N GLY A 232 13.77 24.68 12.32
CA GLY A 232 12.66 25.60 12.41
C GLY A 232 11.33 24.91 12.63
N SER A 233 11.06 23.84 11.89
CA SER A 233 9.84 23.07 12.09
C SER A 233 9.79 22.53 13.50
N LYS A 234 9.15 23.29 14.40
CA LYS A 234 9.07 22.95 15.82
C LYS A 234 7.65 22.54 16.17
N GLY A 235 7.53 21.41 16.88
CA GLY A 235 6.22 20.93 17.25
C GLY A 235 5.62 21.72 18.41
N VAL A 236 4.29 21.83 18.38
CA VAL A 236 3.56 22.41 19.51
C VAL A 236 3.65 21.43 20.68
N PRO A 237 3.83 21.90 21.91
CA PRO A 237 4.09 20.98 23.02
C PRO A 237 2.89 20.13 23.39
N PHE A 238 3.17 18.98 23.99
CA PHE A 238 2.12 18.08 24.44
C PHE A 238 1.13 18.78 25.37
N GLU A 239 1.63 19.64 26.26
CA GLU A 239 0.72 20.35 27.15
C GLU A 239 -0.26 21.22 26.38
N PHE A 240 0.16 21.71 25.19
CA PHE A 240 -0.74 22.45 24.31
C PHE A 240 -1.92 21.59 23.87
N LEU A 241 -1.65 20.35 23.45
CA LEU A 241 -2.75 19.44 23.10
C LEU A 241 -3.60 19.10 24.32
N GLN A 242 -2.97 18.86 25.46
CA GLN A 242 -3.72 18.53 26.67
C GLN A 242 -4.64 19.68 27.07
N GLU A 243 -4.10 20.90 27.10
CA GLU A 243 -4.92 22.05 27.41
C GLU A 243 -6.06 22.22 26.40
N SER A 244 -5.80 21.93 25.12
CA SER A 244 -6.84 22.10 24.11
C SER A 244 -7.99 21.11 24.31
N VAL A 245 -7.67 19.85 24.66
CA VAL A 245 -8.74 18.91 24.99
C VAL A 245 -9.50 19.37 26.25
N LYS A 246 -8.76 19.88 27.24
CA LYS A 246 -9.43 20.43 28.42
C LYS A 246 -10.36 21.58 28.06
N GLY A 247 -10.03 22.33 27.00
CA GLY A 247 -10.89 23.40 26.53
C GLY A 247 -12.05 22.97 25.68
N GLY A 248 -12.09 21.72 25.20
CA GLY A 248 -13.21 21.26 24.41
C GLY A 248 -12.87 20.76 23.02
N ILE A 249 -11.58 20.69 22.68
CA ILE A 249 -11.15 20.02 21.46
C ILE A 249 -11.39 18.52 21.57
N ASN A 250 -12.07 17.95 20.56
CA ASN A 250 -12.43 16.54 20.51
C ASN A 250 -11.82 15.79 19.33
N LYS A 251 -11.27 16.49 18.35
CA LYS A 251 -10.64 15.90 17.16
C LYS A 251 -9.32 16.63 16.93
N VAL A 252 -8.22 15.87 16.90
CA VAL A 252 -6.89 16.47 16.78
C VAL A 252 -6.24 15.90 15.53
N ASN A 253 -6.19 16.73 14.49
CA ASN A 253 -5.61 16.32 13.22
C ASN A 253 -4.11 16.08 13.37
N THR A 254 -3.65 14.93 12.88
CA THR A 254 -2.28 14.49 13.12
C THR A 254 -1.75 13.83 11.85
N ASP A 255 -0.65 14.38 11.30
CA ASP A 255 -0.15 13.95 10.01
C ASP A 255 1.37 14.12 9.93
N THR A 256 1.83 15.37 10.11
CA THR A 256 3.24 15.69 10.10
C THR A 256 4.02 14.75 11.02
N ASP A 257 3.56 14.58 12.26
CA ASP A 257 4.27 13.73 13.22
C ASP A 257 4.40 12.30 12.71
N LEU A 258 3.39 11.79 12.01
CA LEU A 258 3.44 10.44 11.47
C LEU A 258 4.48 10.34 10.37
N ARG A 259 4.47 11.28 9.43
CA ARG A 259 5.43 11.28 8.34
C ARG A 259 6.88 11.30 8.84
N ILE A 260 7.17 12.16 9.84
CA ILE A 260 8.55 12.30 10.29
C ILE A 260 9.03 11.01 10.95
N ALA A 261 8.17 10.39 11.77
CA ALA A 261 8.51 9.11 12.40
C ALA A 261 8.73 8.03 11.35
N PHE A 262 7.86 7.98 10.35
CA PHE A 262 7.94 6.98 9.29
C PHE A 262 9.23 7.15 8.49
N ILE A 263 9.46 8.36 7.95
CA ILE A 263 10.58 8.59 7.05
C ILE A 263 11.91 8.56 7.80
N ALA A 264 11.92 8.89 9.10
CA ALA A 264 13.14 8.72 9.89
C ALA A 264 13.68 7.31 9.75
N GLU A 265 12.79 6.32 9.83
CA GLU A 265 13.26 4.93 9.79
C GLU A 265 13.65 4.52 8.39
N VAL A 266 12.95 5.04 7.38
CA VAL A 266 13.32 4.80 5.98
C VAL A 266 14.73 5.31 5.71
N ARG A 267 14.99 6.56 6.08
CA ARG A 267 16.32 7.15 5.95
C ARG A 267 17.37 6.31 6.68
N LYS A 268 17.02 5.81 7.86
CA LYS A 268 17.93 5.03 8.68
C LYS A 268 18.34 3.73 7.97
N VAL A 269 17.36 2.98 7.46
CA VAL A 269 17.68 1.75 6.73
C VAL A 269 18.57 2.06 5.52
N ALA A 270 18.23 3.11 4.77
CA ALA A 270 19.05 3.48 3.63
C ALA A 270 20.49 3.72 4.06
N ASN A 271 20.68 4.44 5.17
CA ASN A 271 22.02 4.79 5.62
C ASN A 271 22.82 3.56 6.02
N GLU A 272 22.20 2.63 6.75
CA GLU A 272 22.91 1.57 7.46
C GLU A 272 23.18 0.33 6.62
N ASP A 273 22.58 0.20 5.45
CA ASP A 273 22.86 -0.94 4.56
C ASP A 273 22.61 -0.44 3.15
N LYS A 274 23.68 -0.07 2.45
CA LYS A 274 23.58 0.35 1.07
C LYS A 274 23.14 -0.78 0.14
N SER A 275 23.16 -2.03 0.60
CA SER A 275 22.79 -3.15 -0.25
C SER A 275 21.32 -3.55 -0.08
N GLN A 276 20.59 -2.83 0.76
CA GLN A 276 19.22 -3.21 1.14
C GLN A 276 18.22 -2.63 0.14
N PHE A 277 17.46 -3.50 -0.51
CA PHE A 277 16.39 -3.04 -1.39
C PHE A 277 15.11 -3.86 -1.22
N ASP A 278 14.99 -4.62 -0.13
CA ASP A 278 13.73 -5.23 0.22
C ASP A 278 12.84 -4.17 0.86
N LEU A 279 11.73 -3.84 0.19
CA LEU A 279 10.86 -2.76 0.65
C LEU A 279 10.39 -3.00 2.08
N ARG A 280 10.09 -4.25 2.43
CA ARG A 280 9.62 -4.57 3.77
C ARG A 280 10.66 -4.27 4.83
N LYS A 281 11.94 -4.39 4.50
CA LYS A 281 12.98 -4.01 5.45
C LYS A 281 12.99 -2.50 5.70
N PHE A 282 12.57 -1.70 4.73
CA PHE A 282 12.43 -0.27 4.98
C PHE A 282 11.16 0.04 5.76
N PHE A 283 10.04 -0.60 5.42
CA PHE A 283 8.76 -0.10 5.88
C PHE A 283 8.22 -0.82 7.10
N SER A 284 8.79 -1.94 7.50
CA SER A 284 8.36 -2.52 8.77
C SER A 284 8.83 -1.68 9.95
N PRO A 285 10.09 -1.25 10.02
CA PRO A 285 10.44 -0.32 11.11
C PRO A 285 9.71 1.00 10.99
N ALA A 286 9.48 1.48 9.77
CA ALA A 286 8.74 2.73 9.59
C ALA A 286 7.33 2.61 10.11
N GLN A 287 6.66 1.49 9.85
CA GLN A 287 5.32 1.27 10.42
C GLN A 287 5.36 1.24 11.95
N LEU A 288 6.33 0.53 12.55
CA LEU A 288 6.41 0.47 14.00
C LEU A 288 6.57 1.86 14.61
N ALA A 289 7.47 2.67 14.04
CA ALA A 289 7.67 4.03 14.57
C ALA A 289 6.39 4.86 14.45
N LEU A 290 5.73 4.80 13.29
CA LEU A 290 4.46 5.49 13.13
C LEU A 290 3.44 5.00 14.14
N LYS A 291 3.27 3.67 14.24
CA LYS A 291 2.32 3.10 15.20
C LYS A 291 2.54 3.60 16.61
N ASN A 292 3.79 3.70 17.04
CA ASN A 292 4.07 4.14 18.40
C ASN A 292 3.70 5.62 18.58
N VAL A 293 3.86 6.44 17.54
CA VAL A 293 3.45 7.84 17.64
C VAL A 293 1.94 7.91 17.85
N VAL A 294 1.20 7.06 17.14
CA VAL A 294 -0.26 7.05 17.27
C VAL A 294 -0.68 6.56 18.66
N LYS A 295 -0.09 5.45 19.14
CA LYS A 295 -0.49 4.94 20.45
C LYS A 295 -0.27 5.98 21.53
N GLU A 296 0.88 6.66 21.50
CA GLU A 296 1.16 7.69 22.50
C GLU A 296 0.15 8.83 22.42
N ARG A 297 -0.22 9.23 21.19
CA ARG A 297 -1.15 10.34 21.03
C ARG A 297 -2.53 9.95 21.53
N MET A 298 -2.94 8.70 21.28
CA MET A 298 -4.23 8.22 21.76
C MET A 298 -4.31 8.29 23.28
N LYS A 299 -3.23 7.90 23.96
CA LYS A 299 -3.19 8.00 25.42
C LYS A 299 -3.18 9.45 25.86
N LEU A 300 -2.37 10.28 25.18
CA LEU A 300 -2.28 11.70 25.52
C LEU A 300 -3.65 12.38 25.43
N LEU A 301 -4.36 12.17 24.32
CA LEU A 301 -5.65 12.81 24.09
C LEU A 301 -6.79 12.21 24.90
N GLY A 302 -6.62 11.00 25.42
CA GLY A 302 -7.64 10.39 26.24
C GLY A 302 -8.60 9.44 25.55
N SER A 303 -8.28 8.99 24.31
CA SER A 303 -9.16 8.06 23.61
C SER A 303 -8.82 6.59 23.87
N ALA A 304 -7.70 6.32 24.54
CA ALA A 304 -7.34 4.94 24.83
C ALA A 304 -8.35 4.33 25.78
N ASN A 305 -8.65 3.06 25.58
CA ASN A 305 -9.55 2.30 26.43
C ASN A 305 -10.96 2.85 26.40
N LYS A 306 -11.35 3.47 25.29
CA LYS A 306 -12.69 4.01 25.14
C LYS A 306 -13.60 3.19 24.25
N ILE A 307 -13.12 2.07 23.74
CA ILE A 307 -13.92 1.16 22.95
C ILE A 307 -14.87 0.40 23.86
N MET B 1 -10.10 -8.59 -16.44
CA MET B 1 -10.67 -8.97 -15.12
C MET B 1 -9.77 -10.01 -14.46
N LEU B 2 -10.07 -10.36 -13.21
CA LEU B 2 -9.34 -11.38 -12.47
C LEU B 2 -9.73 -12.78 -12.94
N VAL B 3 -8.77 -13.55 -13.44
CA VAL B 3 -9.04 -14.79 -14.16
C VAL B 3 -8.10 -15.87 -13.68
N LYS B 4 -8.50 -17.11 -13.94
CA LYS B 4 -7.70 -18.29 -13.65
C LYS B 4 -6.34 -18.16 -14.33
N GLY B 5 -5.26 -18.52 -13.61
CA GLY B 5 -3.92 -18.36 -14.18
C GLY B 5 -3.78 -19.02 -15.53
N ASN B 6 -4.31 -20.24 -15.68
CA ASN B 6 -4.20 -20.97 -16.93
C ASN B 6 -4.82 -20.21 -18.10
N GLU B 7 -5.82 -19.36 -17.84
CA GLU B 7 -6.45 -18.62 -18.92
C GLU B 7 -5.45 -17.73 -19.63
N ILE B 8 -4.58 -17.08 -18.87
CA ILE B 8 -3.55 -16.22 -19.43
C ILE B 8 -2.40 -17.04 -20.01
N LEU B 9 -1.96 -18.07 -19.30
CA LEU B 9 -0.76 -18.78 -19.72
C LEU B 9 -1.03 -19.77 -20.85
N LEU B 10 -2.25 -20.26 -20.98
CA LEU B 10 -2.52 -21.14 -22.10
C LEU B 10 -2.49 -20.35 -23.40
N LYS B 11 -2.92 -19.10 -23.36
CA LYS B 11 -2.82 -18.26 -24.55
C LYS B 11 -1.36 -17.97 -24.86
N ALA B 12 -0.58 -17.61 -23.82
CA ALA B 12 0.86 -17.40 -23.99
C ALA B 12 1.52 -18.66 -24.54
N HIS B 13 1.12 -19.81 -24.02
CA HIS B 13 1.69 -21.08 -24.48
C HIS B 13 1.37 -21.32 -25.95
N LYS B 14 0.10 -21.14 -26.33
CA LYS B 14 -0.33 -21.38 -27.71
C LYS B 14 0.35 -20.44 -28.69
N GLU B 15 0.51 -19.17 -28.31
CA GLU B 15 1.02 -18.16 -29.22
C GLU B 15 2.51 -17.91 -29.02
N GLY B 16 3.13 -18.60 -28.08
CA GLY B 16 4.57 -18.54 -27.87
C GLY B 16 5.13 -17.21 -27.38
N TYR B 17 4.53 -16.60 -26.35
CA TYR B 17 5.13 -15.42 -25.74
C TYR B 17 5.20 -15.62 -24.22
N GLY B 18 5.88 -14.70 -23.54
CA GLY B 18 6.07 -14.78 -22.09
C GLY B 18 5.27 -13.69 -21.40
N VAL B 19 4.72 -14.03 -20.24
CA VAL B 19 3.98 -13.08 -19.41
C VAL B 19 4.77 -12.90 -18.15
N GLY B 20 5.20 -11.67 -17.89
CA GLY B 20 5.89 -11.37 -16.65
C GLY B 20 4.95 -11.63 -15.47
N ALA B 21 5.51 -12.18 -14.42
CA ALA B 21 4.79 -12.45 -13.19
C ALA B 21 5.48 -11.59 -12.15
N PHE B 22 4.81 -10.52 -11.74
CA PHE B 22 5.46 -9.44 -11.01
C PHE B 22 5.04 -9.50 -9.54
N ASN B 23 6.02 -9.56 -8.66
CA ASN B 23 5.75 -9.61 -7.22
C ASN B 23 5.35 -8.25 -6.70
N PHE B 24 4.53 -8.23 -5.65
CA PHE B 24 4.27 -7.00 -4.92
C PHE B 24 4.19 -7.25 -3.43
N VAL B 25 4.45 -6.19 -2.67
CA VAL B 25 4.35 -6.25 -1.21
C VAL B 25 3.47 -5.13 -0.66
N ASN B 26 3.07 -4.18 -1.49
CA ASN B 26 2.20 -3.10 -1.04
C ASN B 26 1.52 -2.38 -2.20
N PHE B 27 0.81 -1.30 -1.85
CA PHE B 27 0.03 -0.54 -2.83
C PHE B 27 0.91 0.01 -3.96
N GLU B 28 2.03 0.67 -3.62
CA GLU B 28 2.83 1.35 -4.63
C GLU B 28 3.34 0.37 -5.70
N MET B 29 3.79 -0.81 -5.28
CA MET B 29 4.25 -1.80 -6.26
C MET B 29 3.09 -2.24 -7.14
N LEU B 30 1.94 -2.54 -6.51
CA LEU B 30 0.77 -3.00 -7.24
C LEU B 30 0.32 -1.95 -8.25
N ASN B 31 0.23 -0.68 -7.83
CA ASN B 31 -0.24 0.36 -8.74
C ASN B 31 0.68 0.50 -9.93
N ALA B 32 2.00 0.50 -9.71
CA ALA B 32 2.90 0.68 -10.85
C ALA B 32 2.83 -0.51 -11.80
N ILE B 33 2.65 -1.73 -11.27
CA ILE B 33 2.53 -2.88 -12.14
C ILE B 33 1.28 -2.75 -13.01
N PHE B 34 0.13 -2.43 -12.39
CA PHE B 34 -1.10 -2.28 -13.16
C PHE B 34 -1.00 -1.16 -14.19
N GLU B 35 -0.40 0.00 -13.83
CA GLU B 35 -0.29 1.09 -14.79
C GLU B 35 0.59 0.68 -15.98
N ALA B 36 1.62 -0.12 -15.72
CA ALA B 36 2.43 -0.66 -16.81
C ALA B 36 1.57 -1.55 -17.73
N GLY B 37 0.79 -2.44 -17.13
CA GLY B 37 -0.06 -3.31 -17.93
C GLY B 37 -1.06 -2.52 -18.75
N ASN B 38 -1.64 -1.48 -18.15
CA ASN B 38 -2.57 -0.63 -18.88
C ASN B 38 -1.87 0.10 -20.03
N GLU B 39 -0.65 0.60 -19.79
CA GLU B 39 0.04 1.41 -20.78
C GLU B 39 0.59 0.58 -21.93
N GLU B 40 0.99 -0.68 -21.67
CA GLU B 40 1.49 -1.57 -22.73
C GLU B 40 0.44 -2.56 -23.22
N ASN B 41 -0.81 -2.43 -22.81
CA ASN B 41 -1.88 -3.33 -23.25
C ASN B 41 -1.51 -4.78 -23.08
N SER B 42 -1.09 -5.12 -21.85
CA SER B 42 -0.54 -6.44 -21.55
C SER B 42 -1.34 -7.13 -20.46
N PRO B 43 -1.60 -8.44 -20.58
CA PRO B 43 -2.12 -9.20 -19.43
C PRO B 43 -1.09 -9.21 -18.33
N LEU B 44 -1.56 -9.48 -17.11
CA LEU B 44 -0.75 -9.33 -15.92
C LEU B 44 -0.86 -10.60 -15.09
N PHE B 45 0.27 -11.16 -14.69
CA PHE B 45 0.34 -12.06 -13.53
C PHE B 45 0.85 -11.23 -12.38
N ILE B 46 0.06 -11.19 -11.29
CA ILE B 46 0.44 -10.49 -10.07
C ILE B 46 0.71 -11.58 -9.04
N GLN B 47 1.89 -11.56 -8.42
CA GLN B 47 2.12 -12.63 -7.48
C GLN B 47 2.61 -12.08 -6.14
N ALA B 48 2.33 -12.86 -5.12
CA ALA B 48 2.66 -12.53 -3.74
C ALA B 48 3.26 -13.76 -3.11
N SER B 49 4.47 -13.60 -2.57
CA SER B 49 5.13 -14.60 -1.75
C SER B 49 4.42 -14.77 -0.41
N GLU B 50 4.79 -15.83 0.29
CA GLU B 50 4.24 -16.02 1.63
C GLU B 50 4.70 -14.89 2.55
N GLY B 51 5.92 -14.41 2.39
CA GLY B 51 6.38 -13.27 3.15
C GLY B 51 5.57 -12.01 2.86
N ALA B 52 5.24 -11.80 1.60
CA ALA B 52 4.46 -10.61 1.27
C ALA B 52 3.05 -10.73 1.81
N ILE B 53 2.50 -11.94 1.78
CA ILE B 53 1.15 -12.14 2.30
C ILE B 53 1.15 -11.91 3.81
N LYS B 54 2.19 -12.37 4.50
CA LYS B 54 2.28 -12.11 5.94
C LYS B 54 2.35 -10.61 6.20
N TYR B 55 3.14 -9.90 5.39
CA TYR B 55 3.34 -8.47 5.56
C TYR B 55 2.05 -7.71 5.33
N MET B 56 1.31 -8.04 4.25
CA MET B 56 0.07 -7.31 3.93
C MET B 56 -1.14 -7.81 4.72
N GLY B 57 -1.21 -9.10 5.02
CA GLY B 57 -2.46 -9.75 5.33
C GLY B 57 -3.09 -10.25 4.04
N ILE B 58 -3.44 -11.54 3.98
CA ILE B 58 -3.98 -12.08 2.73
C ILE B 58 -5.24 -11.34 2.29
N ASP B 59 -6.03 -10.86 3.26
CA ASP B 59 -7.23 -10.08 2.98
C ASP B 59 -6.89 -8.78 2.26
N MET B 60 -5.77 -8.16 2.61
CA MET B 60 -5.38 -6.93 1.94
C MET B 60 -4.74 -7.23 0.60
N ALA B 61 -3.96 -8.31 0.53
CA ALA B 61 -3.34 -8.65 -0.75
C ALA B 61 -4.41 -8.92 -1.80
N VAL B 62 -5.41 -9.73 -1.46
CA VAL B 62 -6.46 -10.00 -2.44
C VAL B 62 -7.33 -8.75 -2.64
N GLY B 63 -7.63 -8.04 -1.56
CA GLY B 63 -8.53 -6.90 -1.65
C GLY B 63 -7.98 -5.79 -2.53
N MET B 64 -6.70 -5.46 -2.36
CA MET B 64 -6.10 -4.42 -3.20
C MET B 64 -6.13 -4.83 -4.66
N VAL B 65 -5.81 -6.09 -4.95
CA VAL B 65 -5.82 -6.55 -6.34
C VAL B 65 -7.22 -6.45 -6.94
N LYS B 66 -8.25 -6.83 -6.18
CA LYS B 66 -9.61 -6.74 -6.69
C LYS B 66 -10.01 -5.31 -6.98
N ILE B 67 -9.59 -4.38 -6.13
CA ILE B 67 -9.82 -2.96 -6.40
C ILE B 67 -9.14 -2.55 -7.70
N MET B 68 -7.87 -2.97 -7.88
CA MET B 68 -7.15 -2.61 -9.11
C MET B 68 -7.78 -3.25 -10.34
N CYS B 69 -8.27 -4.50 -10.23
CA CYS B 69 -8.93 -5.13 -11.36
C CYS B 69 -10.18 -4.35 -11.78
N GLU B 70 -10.96 -3.88 -10.80
CA GLU B 70 -12.12 -3.05 -11.08
C GLU B 70 -11.73 -1.73 -11.71
N ARG B 71 -10.54 -1.23 -11.37
CA ARG B 71 -10.09 0.05 -11.93
C ARG B 71 -9.69 -0.12 -13.39
N TYR B 72 -9.20 -1.31 -13.75
CA TYR B 72 -8.74 -1.63 -15.10
C TYR B 72 -9.39 -2.93 -15.58
N PRO B 73 -10.71 -2.92 -15.81
CA PRO B 73 -11.41 -4.19 -16.04
C PRO B 73 -11.06 -4.87 -17.35
N HIS B 74 -10.52 -4.15 -18.31
CA HIS B 74 -10.12 -4.74 -19.59
C HIS B 74 -8.84 -5.56 -19.50
N ILE B 75 -8.10 -5.55 -18.39
CA ILE B 75 -6.80 -6.22 -18.33
C ILE B 75 -7.01 -7.61 -17.74
N PRO B 76 -6.62 -8.67 -18.44
CA PRO B 76 -6.60 -9.99 -17.79
C PRO B 76 -5.57 -10.02 -16.67
N VAL B 77 -6.02 -10.42 -15.48
CA VAL B 77 -5.16 -10.46 -14.30
C VAL B 77 -5.32 -11.81 -13.62
N ALA B 78 -4.20 -12.46 -13.34
CA ALA B 78 -4.18 -13.59 -12.45
C ALA B 78 -3.44 -13.21 -11.17
N LEU B 79 -3.96 -13.66 -10.04
CA LEU B 79 -3.37 -13.43 -8.73
C LEU B 79 -2.82 -14.75 -8.21
N HIS B 80 -1.50 -14.78 -8.01
CA HIS B 80 -0.76 -16.02 -7.90
C HIS B 80 0.05 -16.09 -6.60
N LEU B 81 -0.04 -17.22 -5.93
CA LEU B 81 0.72 -17.46 -4.71
C LEU B 81 2.11 -17.92 -5.13
N ASP B 82 3.09 -17.11 -4.84
CA ASP B 82 4.47 -17.38 -5.19
C ASP B 82 5.13 -18.21 -4.10
N HIS B 83 5.74 -19.35 -4.49
CA HIS B 83 6.46 -20.23 -3.57
C HIS B 83 5.65 -20.56 -2.32
N GLY B 84 4.46 -21.12 -2.56
CA GLY B 84 3.75 -21.76 -1.49
C GLY B 84 4.54 -22.95 -0.98
N THR B 85 4.63 -23.07 0.35
CA THR B 85 5.45 -24.11 0.96
C THR B 85 4.67 -25.27 1.55
N THR B 86 3.35 -25.16 1.69
CA THR B 86 2.55 -26.21 2.27
C THR B 86 1.22 -26.26 1.58
N PHE B 87 0.58 -27.42 1.68
CA PHE B 87 -0.80 -27.54 1.22
C PHE B 87 -1.69 -26.48 1.84
N GLU B 88 -1.59 -26.31 3.16
CA GLU B 88 -2.48 -25.43 3.90
C GLU B 88 -2.33 -23.99 3.42
N SER B 89 -1.11 -23.58 3.10
CA SER B 89 -0.88 -22.23 2.55
C SER B 89 -1.57 -22.08 1.20
N CYS B 90 -1.42 -23.07 0.31
CA CYS B 90 -2.09 -23.02 -0.98
C CYS B 90 -3.61 -23.01 -0.80
N GLU B 91 -4.11 -23.79 0.18
CA GLU B 91 -5.54 -23.85 0.44
C GLU B 91 -6.06 -22.51 0.96
N LYS B 92 -5.30 -21.86 1.86
CA LYS B 92 -5.67 -20.54 2.35
C LYS B 92 -5.74 -19.54 1.19
N ALA B 93 -4.79 -19.62 0.27
CA ALA B 93 -4.75 -18.69 -0.85
C ALA B 93 -5.97 -18.90 -1.74
N VAL B 94 -6.31 -20.16 -2.03
CA VAL B 94 -7.52 -20.47 -2.78
C VAL B 94 -8.75 -19.90 -2.07
N LYS B 95 -8.89 -20.20 -0.78
CA LYS B 95 -10.07 -19.71 -0.07
C LYS B 95 -10.15 -18.19 -0.12
N ALA B 96 -9.01 -17.51 -0.04
CA ALA B 96 -8.99 -16.06 -0.01
C ALA B 96 -9.31 -15.43 -1.36
N GLY B 97 -9.20 -16.17 -2.46
CA GLY B 97 -9.47 -15.55 -3.76
C GLY B 97 -8.34 -15.52 -4.77
N PHE B 98 -7.22 -16.15 -4.46
CA PHE B 98 -6.18 -16.33 -5.47
C PHE B 98 -6.71 -17.18 -6.61
N THR B 99 -6.21 -16.91 -7.81
CA THR B 99 -6.63 -17.66 -8.99
C THR B 99 -5.52 -18.54 -9.54
N SER B 100 -4.37 -18.57 -8.86
CA SER B 100 -3.25 -19.43 -9.19
C SER B 100 -2.43 -19.62 -7.93
N VAL B 101 -1.94 -20.84 -7.70
CA VAL B 101 -1.04 -21.12 -6.59
C VAL B 101 0.14 -21.97 -7.06
N MET B 102 1.33 -21.61 -6.58
CA MET B 102 2.50 -22.45 -6.72
C MET B 102 2.74 -23.20 -5.43
N ILE B 103 2.94 -24.52 -5.55
CA ILE B 103 3.43 -25.34 -4.45
C ILE B 103 4.84 -25.75 -4.81
N ASP B 104 5.79 -25.37 -3.97
CA ASP B 104 7.21 -25.61 -4.21
C ASP B 104 7.65 -26.72 -3.28
N ALA B 105 7.72 -27.91 -3.84
CA ALA B 105 8.23 -29.08 -3.15
C ALA B 105 9.44 -29.64 -3.89
N SER B 106 10.20 -28.77 -4.58
CA SER B 106 11.30 -29.21 -5.44
C SER B 106 12.51 -29.67 -4.65
N HIS B 107 12.59 -29.33 -3.38
CA HIS B 107 13.64 -29.85 -2.50
C HIS B 107 13.37 -31.26 -2.03
N HIS B 108 12.15 -31.75 -2.17
CA HIS B 108 11.87 -33.13 -1.86
C HIS B 108 12.28 -34.04 -3.03
N ALA B 109 12.36 -35.33 -2.74
CA ALA B 109 12.56 -36.29 -3.81
C ALA B 109 11.30 -36.37 -4.68
N PHE B 110 11.49 -36.90 -5.89
CA PHE B 110 10.46 -36.88 -6.91
C PHE B 110 9.12 -37.34 -6.37
N GLU B 111 9.09 -38.52 -5.73
CA GLU B 111 7.80 -39.07 -5.34
C GLU B 111 7.11 -38.17 -4.31
N GLU B 112 7.87 -37.52 -3.42
CA GLU B 112 7.22 -36.68 -2.42
C GLU B 112 6.77 -35.36 -3.04
N ASN B 113 7.56 -34.82 -3.95
CA ASN B 113 7.16 -33.64 -4.72
C ASN B 113 5.87 -33.91 -5.49
N LEU B 114 5.82 -35.02 -6.23
CA LEU B 114 4.62 -35.37 -7.00
C LEU B 114 3.41 -35.60 -6.09
N GLU B 115 3.62 -36.26 -4.94
CA GLU B 115 2.52 -36.52 -4.01
C GLU B 115 1.89 -35.22 -3.51
N LEU B 116 2.71 -34.30 -3.00
CA LEU B 116 2.17 -33.04 -2.49
C LEU B 116 1.60 -32.17 -3.61
N THR B 117 2.29 -32.09 -4.73
CA THR B 117 1.75 -31.35 -5.87
C THR B 117 0.38 -31.88 -6.27
N SER B 118 0.25 -33.21 -6.36
CA SER B 118 -1.02 -33.80 -6.77
C SER B 118 -2.13 -33.44 -5.78
N LYS B 119 -1.81 -33.40 -4.48
CA LYS B 119 -2.80 -33.04 -3.48
C LYS B 119 -3.23 -31.59 -3.64
N VAL B 120 -2.26 -30.69 -3.83
CA VAL B 120 -2.61 -29.29 -4.09
C VAL B 120 -3.47 -29.18 -5.35
N VAL B 121 -3.12 -29.92 -6.40
CA VAL B 121 -3.85 -29.77 -7.66
C VAL B 121 -5.32 -30.15 -7.48
N LYS B 122 -5.60 -31.24 -6.76
CA LYS B 122 -6.99 -31.68 -6.58
C LYS B 122 -7.82 -30.62 -5.86
N MET B 123 -7.30 -30.12 -4.74
CA MET B 123 -7.97 -29.06 -4.02
C MET B 123 -8.16 -27.84 -4.91
N ALA B 124 -7.10 -27.41 -5.59
CA ALA B 124 -7.17 -26.18 -6.36
C ALA B 124 -8.14 -26.30 -7.52
N HIS B 125 -8.04 -27.38 -8.29
CA HIS B 125 -8.90 -27.53 -9.46
C HIS B 125 -10.37 -27.63 -9.04
N ASN B 126 -10.62 -28.26 -7.90
CA ASN B 126 -11.97 -28.29 -7.35
C ASN B 126 -12.51 -26.89 -7.14
N ALA B 127 -11.62 -25.90 -6.98
CA ALA B 127 -12.01 -24.53 -6.76
C ALA B 127 -11.79 -23.65 -7.99
N GLY B 128 -11.41 -24.23 -9.13
CA GLY B 128 -11.23 -23.42 -10.32
C GLY B 128 -9.96 -22.61 -10.32
N VAL B 129 -8.94 -23.07 -9.60
CA VAL B 129 -7.68 -22.36 -9.42
C VAL B 129 -6.60 -23.19 -10.09
N SER B 130 -5.74 -22.54 -10.87
CA SER B 130 -4.64 -23.20 -11.55
C SER B 130 -3.44 -23.36 -10.62
N VAL B 131 -2.55 -24.28 -10.97
CA VAL B 131 -1.46 -24.68 -10.10
C VAL B 131 -0.13 -24.72 -10.85
N GLU B 132 0.93 -24.22 -10.19
CA GLU B 132 2.32 -24.32 -10.61
C GLU B 132 3.09 -25.20 -9.64
N ALA B 133 4.04 -25.99 -10.18
CA ALA B 133 5.01 -26.71 -9.35
C ALA B 133 6.40 -26.48 -9.93
N GLU B 134 7.41 -27.02 -9.25
CA GLU B 134 8.81 -26.80 -9.59
C GLU B 134 9.58 -28.10 -9.50
N LEU B 135 10.49 -28.30 -10.45
CA LEU B 135 11.27 -29.53 -10.52
C LEU B 135 12.72 -29.15 -10.78
N GLY B 136 13.62 -29.71 -9.98
CA GLY B 136 14.99 -29.24 -9.96
C GLY B 136 15.37 -28.77 -8.56
N ARG B 137 16.18 -29.56 -7.88
CA ARG B 137 16.57 -29.31 -6.50
C ARG B 137 17.02 -27.86 -6.26
N LEU B 154 19.53 -29.44 -11.77
CA LEU B 154 18.72 -29.08 -12.93
C LEU B 154 17.65 -30.11 -13.22
N VAL B 155 16.63 -29.70 -13.98
CA VAL B 155 15.50 -30.57 -14.24
C VAL B 155 15.93 -31.79 -15.04
N ASN B 156 15.26 -32.92 -14.77
CA ASN B 156 15.39 -34.11 -15.59
C ASN B 156 14.17 -34.18 -16.51
N PRO B 157 14.34 -33.99 -17.82
CA PRO B 157 13.15 -33.87 -18.70
C PRO B 157 12.23 -35.06 -18.67
N LYS B 158 12.75 -36.27 -18.47
CA LYS B 158 11.86 -37.42 -18.35
C LYS B 158 11.10 -37.43 -17.03
N GLU B 159 11.72 -36.96 -15.94
CA GLU B 159 10.97 -36.76 -14.71
C GLU B 159 9.85 -35.73 -14.91
N ALA B 160 10.17 -34.63 -15.60
CA ALA B 160 9.17 -33.60 -15.87
C ALA B 160 7.99 -34.18 -16.62
N GLU B 161 8.25 -35.01 -17.63
CA GLU B 161 7.16 -35.62 -18.39
C GLU B 161 6.22 -36.40 -17.49
N GLN B 162 6.77 -37.30 -16.69
CA GLN B 162 5.95 -38.12 -15.80
C GLN B 162 5.26 -37.25 -14.76
N PHE B 163 6.02 -36.31 -14.18
CA PHE B 163 5.48 -35.41 -13.17
C PHE B 163 4.23 -34.68 -13.66
N VAL B 164 4.31 -34.07 -14.84
CA VAL B 164 3.18 -33.32 -15.37
C VAL B 164 2.00 -34.26 -15.63
N LYS B 165 2.27 -35.43 -16.21
CA LYS B 165 1.18 -36.35 -16.54
C LYS B 165 0.44 -36.81 -15.30
N GLU B 166 1.18 -37.19 -14.25
CA GLU B 166 0.57 -37.81 -13.08
C GLU B 166 -0.06 -36.78 -12.16
N SER B 167 0.49 -35.56 -12.11
CA SER B 167 0.00 -34.52 -11.22
C SER B 167 -1.12 -33.69 -11.82
N GLN B 168 -1.21 -33.60 -13.15
CA GLN B 168 -2.13 -32.69 -13.81
C GLN B 168 -1.83 -31.23 -13.49
N VAL B 169 -0.60 -30.93 -13.09
CA VAL B 169 -0.25 -29.55 -12.78
C VAL B 169 -0.41 -28.72 -14.06
N ASP B 170 -0.79 -27.44 -13.90
CA ASP B 170 -1.10 -26.60 -15.06
C ASP B 170 0.14 -25.98 -15.67
N TYR B 171 1.10 -25.55 -14.85
CA TYR B 171 2.39 -25.10 -15.37
C TYR B 171 3.52 -25.57 -14.45
N LEU B 172 4.69 -25.69 -15.05
CA LEU B 172 5.88 -26.24 -14.40
C LEU B 172 7.01 -25.23 -14.51
N ALA B 173 7.73 -25.05 -13.40
CA ALA B 173 8.96 -24.29 -13.34
C ALA B 173 10.12 -25.28 -13.37
N PRO B 174 10.75 -25.53 -14.53
CA PRO B 174 11.91 -26.41 -14.55
C PRO B 174 13.19 -25.63 -14.30
N ALA B 175 14.06 -26.18 -13.46
CA ALA B 175 15.31 -25.49 -13.12
C ALA B 175 16.30 -25.69 -14.27
N ILE B 176 16.63 -24.60 -14.97
CA ILE B 176 17.57 -24.62 -16.08
C ILE B 176 18.78 -23.70 -15.85
N GLY B 177 18.98 -23.20 -14.63
CA GLY B 177 20.20 -22.48 -14.29
C GLY B 177 20.03 -21.13 -13.60
N THR B 178 18.79 -20.68 -13.45
CA THR B 178 18.57 -19.41 -12.78
C THR B 178 18.51 -19.60 -11.27
N SER B 179 18.44 -18.48 -10.56
CA SER B 179 18.26 -18.46 -9.12
C SER B 179 17.68 -17.10 -8.74
N HIS B 180 17.03 -17.05 -7.58
CA HIS B 180 16.45 -15.79 -7.12
C HIS B 180 17.54 -14.78 -6.79
N GLY B 181 17.18 -13.50 -6.89
CA GLY B 181 18.04 -12.45 -6.36
C GLY B 181 18.98 -11.87 -7.39
N ALA B 182 19.84 -10.98 -6.91
CA ALA B 182 20.65 -10.13 -7.76
C ALA B 182 22.00 -10.73 -8.13
N PHE B 183 22.33 -11.91 -7.61
CA PHE B 183 23.67 -12.50 -7.74
C PHE B 183 23.51 -13.89 -8.35
N LYS B 184 23.15 -13.92 -9.62
CA LYS B 184 22.75 -15.16 -10.26
C LYS B 184 23.90 -15.93 -10.90
N PHE B 185 24.98 -15.24 -11.26
CA PHE B 185 26.04 -15.88 -12.06
C PHE B 185 27.39 -15.38 -11.60
N LYS B 186 28.24 -16.31 -11.14
CA LYS B 186 29.63 -15.99 -10.84
C LYS B 186 30.51 -16.06 -12.08
N GLY B 187 30.11 -16.89 -13.06
CA GLY B 187 30.79 -16.92 -14.34
C GLY B 187 29.97 -16.32 -15.46
N GLU B 188 30.09 -16.89 -16.66
CA GLU B 188 29.30 -16.40 -17.76
C GLU B 188 27.83 -16.75 -17.52
N PRO B 189 26.89 -15.90 -17.92
CA PRO B 189 25.49 -16.31 -17.89
C PRO B 189 25.29 -17.55 -18.73
N LYS B 190 24.65 -18.57 -18.16
CA LYS B 190 24.43 -19.83 -18.85
C LYS B 190 23.10 -20.40 -18.39
N LEU B 191 22.24 -20.70 -19.36
CA LEU B 191 20.98 -21.38 -19.11
C LEU B 191 20.92 -22.57 -20.05
N ASP B 192 20.35 -23.68 -19.58
CA ASP B 192 20.38 -24.91 -20.36
C ASP B 192 19.17 -24.93 -21.29
N PHE B 193 19.34 -24.24 -22.41
CA PHE B 193 18.23 -24.10 -23.35
C PHE B 193 17.86 -25.43 -24.00
N GLU B 194 18.82 -26.32 -24.24
CA GLU B 194 18.45 -27.62 -24.81
C GLU B 194 17.57 -28.40 -23.84
N ARG B 195 17.89 -28.34 -22.55
CA ARG B 195 17.05 -28.99 -21.55
C ARG B 195 15.66 -28.37 -21.52
N LEU B 196 15.57 -27.04 -21.59
CA LEU B 196 14.27 -26.38 -21.57
C LEU B 196 13.39 -26.87 -22.71
N GLN B 197 13.99 -26.94 -23.92
CA GLN B 197 13.25 -27.38 -25.09
C GLN B 197 12.79 -28.83 -24.95
N GLU B 198 13.64 -29.70 -24.40
CA GLU B 198 13.22 -31.07 -24.15
C GLU B 198 12.04 -31.11 -23.20
N VAL B 199 12.13 -30.36 -22.09
CA VAL B 199 11.01 -30.32 -21.15
C VAL B 199 9.75 -29.84 -21.84
N LYS B 200 9.86 -28.77 -22.62
CA LYS B 200 8.70 -28.23 -23.32
C LYS B 200 8.08 -29.28 -24.25
N ARG B 201 8.92 -29.98 -25.01
CA ARG B 201 8.40 -30.96 -25.97
C ARG B 201 7.70 -32.11 -25.26
N LEU B 202 8.27 -32.58 -24.15
CA LEU B 202 7.68 -33.74 -23.48
C LEU B 202 6.45 -33.38 -22.65
N THR B 203 6.36 -32.15 -22.14
CA THR B 203 5.23 -31.80 -21.29
C THR B 203 4.11 -31.11 -22.05
N ASN B 204 4.48 -30.24 -22.99
CA ASN B 204 3.53 -29.44 -23.77
C ASN B 204 2.55 -28.69 -22.88
N ILE B 205 3.08 -28.01 -21.86
CA ILE B 205 2.29 -27.11 -21.03
C ILE B 205 3.06 -25.80 -20.89
N PRO B 206 2.41 -24.73 -20.42
CA PRO B 206 3.14 -23.51 -20.08
C PRO B 206 4.27 -23.79 -19.10
N LEU B 207 5.43 -23.18 -19.33
CA LEU B 207 6.57 -23.30 -18.42
C LEU B 207 6.90 -21.98 -17.74
N VAL B 208 7.54 -22.07 -16.57
CA VAL B 208 7.83 -20.93 -15.72
C VAL B 208 9.34 -20.80 -15.48
N LEU B 209 9.82 -19.58 -15.59
CA LEU B 209 11.20 -19.24 -15.32
C LEU B 209 11.22 -18.45 -14.02
N HIS B 210 11.82 -19.06 -13.01
CA HIS B 210 12.08 -18.38 -11.77
C HIS B 210 13.43 -17.70 -11.84
N GLY B 211 13.61 -16.71 -10.98
CA GLY B 211 14.85 -15.97 -10.89
C GLY B 211 15.17 -15.27 -12.20
N ALA B 212 14.17 -14.62 -12.81
CA ALA B 212 14.33 -14.08 -14.16
C ALA B 212 14.61 -12.57 -14.21
N SER B 213 14.98 -11.95 -13.09
CA SER B 213 15.32 -10.52 -13.13
C SER B 213 16.61 -10.35 -13.93
N ALA B 214 16.72 -9.22 -14.63
CA ALA B 214 17.83 -8.96 -15.53
C ALA B 214 18.85 -7.98 -14.98
N ILE B 215 18.50 -7.25 -13.92
CA ILE B 215 19.24 -6.08 -13.42
C ILE B 215 19.71 -5.24 -14.62
N PRO B 216 18.81 -4.52 -15.28
CA PRO B 216 19.23 -3.68 -16.41
C PRO B 216 20.25 -2.61 -16.02
N ASP B 217 21.04 -2.19 -17.01
CA ASP B 217 22.13 -1.26 -16.76
C ASP B 217 21.62 0.05 -16.15
N ASN B 218 20.49 0.56 -16.66
CA ASN B 218 19.95 1.82 -16.14
C ASN B 218 19.45 1.68 -14.71
N VAL B 219 18.86 0.53 -14.38
CA VAL B 219 18.43 0.27 -13.01
C VAL B 219 19.64 0.21 -12.09
N ARG B 220 20.69 -0.51 -12.51
CA ARG B 220 21.93 -0.54 -11.76
C ARG B 220 22.49 0.86 -11.56
N LYS B 221 22.59 1.64 -12.64
CA LYS B 221 23.15 2.99 -12.53
C LYS B 221 22.34 3.86 -11.58
N SER B 222 21.01 3.88 -11.78
CA SER B 222 20.13 4.58 -10.86
C SER B 222 20.44 4.18 -9.42
N TYR B 223 20.53 2.88 -9.15
CA TYR B 223 20.73 2.43 -7.79
C TYR B 223 22.08 2.90 -7.23
N LEU B 224 23.15 2.72 -8.01
CA LEU B 224 24.48 3.09 -7.53
C LEU B 224 24.63 4.60 -7.38
N ASP B 225 24.04 5.37 -8.29
CA ASP B 225 24.09 6.83 -8.20
C ASP B 225 23.44 7.33 -6.92
N ALA B 226 22.41 6.64 -6.44
CA ALA B 226 21.74 7.00 -5.21
C ALA B 226 22.48 6.50 -3.97
N GLY B 227 23.71 6.01 -4.14
CA GLY B 227 24.51 5.54 -3.02
C GLY B 227 24.38 4.07 -2.69
N GLY B 228 23.69 3.29 -3.53
CA GLY B 228 23.49 1.89 -3.22
C GLY B 228 24.72 1.04 -3.55
N ASP B 229 24.72 -0.18 -3.02
CA ASP B 229 25.79 -1.14 -3.26
C ASP B 229 25.21 -2.37 -3.95
N LEU B 230 25.71 -2.65 -5.17
CA LEU B 230 25.34 -3.83 -5.95
C LEU B 230 26.60 -4.56 -6.43
N LYS B 231 27.52 -4.82 -5.51
CA LYS B 231 28.79 -5.45 -5.84
C LYS B 231 28.56 -6.89 -6.29
N GLY B 232 28.99 -7.20 -7.51
CA GLY B 232 28.92 -8.55 -8.04
C GLY B 232 27.58 -8.94 -8.62
N SER B 233 26.62 -8.03 -8.68
CA SER B 233 25.28 -8.39 -9.15
C SER B 233 25.30 -8.76 -10.63
N LYS B 234 24.51 -9.78 -10.98
CA LYS B 234 24.35 -10.21 -12.36
C LYS B 234 22.98 -10.84 -12.52
N GLY B 235 22.22 -10.35 -13.49
CA GLY B 235 20.92 -10.90 -13.81
C GLY B 235 20.95 -11.73 -15.08
N VAL B 236 19.76 -12.19 -15.46
CA VAL B 236 19.59 -12.90 -16.72
C VAL B 236 19.69 -11.88 -17.85
N PRO B 237 20.62 -12.02 -18.79
CA PRO B 237 20.63 -11.10 -19.94
C PRO B 237 19.29 -11.07 -20.65
N PHE B 238 18.92 -9.88 -21.14
CA PHE B 238 17.72 -9.74 -21.96
C PHE B 238 17.67 -10.81 -23.05
N GLU B 239 18.80 -11.07 -23.71
CA GLU B 239 18.84 -12.05 -24.79
C GLU B 239 18.48 -13.44 -24.28
N PHE B 240 18.90 -13.77 -23.06
CA PHE B 240 18.55 -15.05 -22.46
C PHE B 240 17.06 -15.13 -22.13
N LEU B 241 16.47 -14.02 -21.66
CA LEU B 241 15.03 -13.98 -21.44
C LEU B 241 14.28 -14.23 -22.74
N GLN B 242 14.68 -13.56 -23.82
CA GLN B 242 14.04 -13.76 -25.11
C GLN B 242 14.24 -15.19 -25.60
N GLU B 243 15.45 -15.75 -25.44
CA GLU B 243 15.66 -17.14 -25.83
C GLU B 243 14.87 -18.11 -24.95
N SER B 244 14.67 -17.76 -23.66
CA SER B 244 13.83 -18.59 -22.81
C SER B 244 12.42 -18.69 -23.36
N VAL B 245 11.85 -17.55 -23.78
CA VAL B 245 10.51 -17.54 -24.35
C VAL B 245 10.47 -18.34 -25.66
N LYS B 246 11.49 -18.19 -26.49
CA LYS B 246 11.59 -19.01 -27.69
C LYS B 246 11.58 -20.49 -27.34
N GLY B 247 12.22 -20.85 -26.23
CA GLY B 247 12.28 -22.23 -25.78
C GLY B 247 11.03 -22.76 -25.11
N GLY B 248 10.07 -21.89 -24.77
CA GLY B 248 8.81 -22.37 -24.26
C GLY B 248 8.39 -21.79 -22.94
N ILE B 249 9.19 -20.86 -22.41
CA ILE B 249 8.82 -20.17 -21.16
C ILE B 249 7.66 -19.24 -21.43
N ASN B 250 6.63 -19.32 -20.58
CA ASN B 250 5.45 -18.47 -20.71
C ASN B 250 5.15 -17.61 -19.50
N LYS B 251 5.69 -17.94 -18.34
CA LYS B 251 5.56 -17.14 -17.11
C LYS B 251 6.96 -16.80 -16.64
N VAL B 252 7.21 -15.53 -16.35
CA VAL B 252 8.57 -15.02 -16.15
C VAL B 252 8.58 -14.26 -14.82
N ASN B 253 9.06 -14.91 -13.76
CA ASN B 253 8.97 -14.34 -12.43
C ASN B 253 9.97 -13.20 -12.25
N THR B 254 9.48 -12.04 -11.80
CA THR B 254 10.27 -10.83 -11.74
C THR B 254 9.95 -10.06 -10.48
N ASP B 255 10.98 -9.79 -9.69
CA ASP B 255 10.84 -9.16 -8.39
C ASP B 255 12.03 -8.25 -8.11
N THR B 256 13.25 -8.81 -8.18
CA THR B 256 14.45 -8.05 -7.81
C THR B 256 14.56 -6.77 -8.59
N ASP B 257 14.34 -6.83 -9.91
CA ASP B 257 14.40 -5.64 -10.76
C ASP B 257 13.45 -4.57 -10.27
N LEU B 258 12.25 -4.97 -9.84
CA LEU B 258 11.28 -4.01 -9.36
C LEU B 258 11.76 -3.33 -8.09
N ARG B 259 12.29 -4.12 -7.15
CA ARG B 259 12.77 -3.58 -5.88
C ARG B 259 13.90 -2.61 -6.09
N ILE B 260 14.91 -3.00 -6.86
CA ILE B 260 16.08 -2.12 -7.05
C ILE B 260 15.68 -0.78 -7.65
N ALA B 261 14.87 -0.81 -8.71
CA ALA B 261 14.45 0.42 -9.36
C ALA B 261 13.64 1.30 -8.40
N PHE B 262 12.78 0.67 -7.60
CA PHE B 262 11.96 1.39 -6.62
C PHE B 262 12.83 2.02 -5.54
N ILE B 263 13.67 1.21 -4.91
CA ILE B 263 14.45 1.71 -3.77
C ILE B 263 15.54 2.66 -4.24
N ALA B 264 15.98 2.54 -5.49
CA ALA B 264 16.91 3.54 -6.01
C ALA B 264 16.32 4.94 -5.86
N GLU B 265 15.04 5.09 -6.21
CA GLU B 265 14.43 6.42 -6.23
C GLU B 265 14.17 6.90 -4.81
N VAL B 266 13.80 5.98 -3.92
CA VAL B 266 13.67 6.32 -2.51
C VAL B 266 14.98 6.88 -1.99
N ARG B 267 16.08 6.14 -2.23
CA ARG B 267 17.41 6.59 -1.79
C ARG B 267 17.75 7.96 -2.36
N LYS B 268 17.46 8.16 -3.65
CA LYS B 268 17.76 9.44 -4.28
C LYS B 268 17.03 10.59 -3.59
N VAL B 269 15.71 10.46 -3.39
CA VAL B 269 14.97 11.53 -2.71
C VAL B 269 15.56 11.80 -1.34
N ALA B 270 15.91 10.75 -0.59
CA ALA B 270 16.49 10.96 0.73
C ALA B 270 17.81 11.70 0.64
N ASN B 271 18.63 11.36 -0.36
CA ASN B 271 19.91 12.02 -0.51
C ASN B 271 19.75 13.49 -0.87
N GLU B 272 18.84 13.80 -1.79
CA GLU B 272 18.81 15.12 -2.41
C GLU B 272 18.06 16.17 -1.61
N ASP B 273 17.24 15.77 -0.64
CA ASP B 273 16.51 16.75 0.17
C ASP B 273 16.34 16.16 1.57
N LYS B 274 17.24 16.53 2.47
CA LYS B 274 17.19 16.01 3.83
C LYS B 274 15.95 16.47 4.60
N SER B 275 15.22 17.49 4.12
CA SER B 275 14.03 17.94 4.81
C SER B 275 12.77 17.24 4.34
N GLN B 276 12.86 16.40 3.32
CA GLN B 276 11.68 15.80 2.73
C GLN B 276 11.17 14.65 3.57
N PHE B 277 9.91 14.72 3.98
CA PHE B 277 9.26 13.58 4.60
C PHE B 277 7.81 13.40 4.15
N ASP B 278 7.44 13.97 3.00
CA ASP B 278 6.18 13.63 2.36
C ASP B 278 6.35 12.28 1.67
N LEU B 279 5.62 11.25 2.10
CA LEU B 279 5.86 9.92 1.54
C LEU B 279 5.64 9.89 0.04
N ARG B 280 4.70 10.68 -0.47
CA ARG B 280 4.43 10.73 -1.91
C ARG B 280 5.64 11.22 -2.71
N LYS B 281 6.43 12.14 -2.15
CA LYS B 281 7.61 12.61 -2.86
C LYS B 281 8.67 11.52 -2.98
N PHE B 282 8.72 10.58 -2.03
CA PHE B 282 9.59 9.42 -2.18
C PHE B 282 9.01 8.41 -3.16
N PHE B 283 7.71 8.12 -3.05
CA PHE B 283 7.16 6.94 -3.69
C PHE B 283 6.55 7.20 -5.08
N SER B 284 6.23 8.44 -5.43
CA SER B 284 5.81 8.69 -6.81
C SER B 284 6.95 8.41 -7.78
N PRO B 285 8.15 8.95 -7.62
CA PRO B 285 9.22 8.58 -8.54
C PRO B 285 9.57 7.11 -8.47
N ALA B 286 9.54 6.52 -7.29
CA ALA B 286 9.82 5.09 -7.17
C ALA B 286 8.82 4.25 -7.98
N GLN B 287 7.53 4.61 -7.89
CA GLN B 287 6.53 3.94 -8.71
C GLN B 287 6.85 4.10 -10.19
N LEU B 288 7.23 5.32 -10.62
CA LEU B 288 7.48 5.54 -12.04
C LEU B 288 8.61 4.65 -12.55
N ALA B 289 9.71 4.55 -11.80
CA ALA B 289 10.83 3.71 -12.22
C ALA B 289 10.44 2.24 -12.26
N LEU B 290 9.69 1.78 -11.25
CA LEU B 290 9.21 0.39 -11.26
C LEU B 290 8.30 0.15 -12.45
N LYS B 291 7.33 1.06 -12.65
CA LYS B 291 6.45 0.96 -13.82
C LYS B 291 7.26 0.82 -15.09
N ASN B 292 8.33 1.61 -15.23
CA ASN B 292 9.05 1.60 -16.49
C ASN B 292 9.78 0.28 -16.69
N VAL B 293 10.30 -0.30 -15.61
CA VAL B 293 10.90 -1.63 -15.69
C VAL B 293 9.87 -2.64 -16.19
N VAL B 294 8.64 -2.55 -15.70
CA VAL B 294 7.62 -3.54 -16.08
C VAL B 294 7.23 -3.32 -17.53
N LYS B 295 7.05 -2.07 -17.94
CA LYS B 295 6.65 -1.81 -19.31
C LYS B 295 7.70 -2.36 -20.29
N GLU B 296 8.99 -2.12 -20.00
CA GLU B 296 10.04 -2.64 -20.88
C GLU B 296 10.05 -4.16 -20.89
N ARG B 297 9.85 -4.78 -19.73
CA ARG B 297 9.83 -6.24 -19.66
C ARG B 297 8.63 -6.83 -20.40
N MET B 298 7.49 -6.14 -20.38
CA MET B 298 6.33 -6.63 -21.13
C MET B 298 6.63 -6.66 -22.63
N LYS B 299 7.27 -5.60 -23.12
CA LYS B 299 7.67 -5.54 -24.52
C LYS B 299 8.67 -6.65 -24.84
N LEU B 300 9.70 -6.81 -23.98
CA LEU B 300 10.75 -7.79 -24.22
C LEU B 300 10.19 -9.19 -24.34
N LEU B 301 9.23 -9.53 -23.46
CA LEU B 301 8.72 -10.89 -23.37
C LEU B 301 7.61 -11.18 -24.36
N GLY B 302 7.03 -10.14 -24.96
CA GLY B 302 6.04 -10.32 -26.00
C GLY B 302 4.61 -10.24 -25.55
N SER B 303 4.33 -9.72 -24.35
CA SER B 303 2.97 -9.64 -23.87
C SER B 303 2.33 -8.29 -24.13
N ALA B 304 3.13 -7.32 -24.60
CA ALA B 304 2.61 -6.01 -24.97
C ALA B 304 1.64 -6.19 -26.12
N ASN B 305 0.59 -5.38 -26.09
CA ASN B 305 -0.45 -5.39 -27.12
C ASN B 305 -1.09 -6.75 -27.30
N LYS B 306 -1.18 -7.58 -26.24
CA LYS B 306 -1.86 -8.86 -26.31
C LYS B 306 -3.24 -8.88 -25.67
N ILE B 307 -3.74 -7.75 -25.17
CA ILE B 307 -5.13 -7.68 -24.70
C ILE B 307 -6.06 -7.68 -25.91
#